data_4PP0
#
_entry.id   4PP0
#
_cell.length_a   114.560
_cell.length_b   114.560
_cell.length_c   37.910
_cell.angle_alpha   90.00
_cell.angle_beta   90.00
_cell.angle_gamma   120.00
#
_symmetry.space_group_name_H-M   'P 32'
#
loop_
_entity.id
_entity.type
_entity.pdbx_description
1 polymer 'Nopaline-binding periplasmic protein'
2 non-polymer 1-[(1S)-4-carbamimidamido-1-carboxybutyl]-5-oxo-D-proline
3 non-polymer 1,2-ETHANEDIOL
4 non-polymer DI(HYDROXYETHYL)ETHER
5 water water
#
_entity_poly.entity_id   1
_entity_poly.type   'polypeptide(L)'
_entity_poly.pdbx_seq_one_letter_code
;MKDYKSITIATEGSYAPYNFKDAGGKLIGFDIDLGNDLCKRMNIECKFVEQAWDGIIPSLTAGRYDAIMAAMGIQPAREK
VIAFSRPYLLTPNTFLTTADSPLLKTQVAIENLPLDNITPEQKAELDKFTKIFEGVKFGVQAGTSHEAFMKQMMPSVQIS
TYDTIDNVVMDLKAGRIDASLASVSFLKPLTDKPDNKDLKMFGPRMTGGLFGKGVGVGIRKEDADLKALFDKAIDAAIAD
GTVQKLSQQWFGYDASPKQHHHHHH
;
_entity_poly.pdbx_strand_id   A,B
#
loop_
_chem_comp.id
_chem_comp.type
_chem_comp.name
_chem_comp.formula
EDO non-polymer 1,2-ETHANEDIOL 'C2 H6 O2'
OP1 non-polymer 1-[(1S)-4-carbamimidamido-1-carboxybutyl]-5-oxo-D-proline 'C11 H18 N4 O5'
PEG non-polymer DI(HYDROXYETHYL)ETHER 'C4 H10 O3'
#
# COMPACT_ATOMS: atom_id res chain seq x y z
N TYR A 4 -35.26 -7.50 -9.03
CA TYR A 4 -34.25 -7.68 -7.98
C TYR A 4 -34.35 -6.62 -6.90
N LYS A 5 -34.13 -7.02 -5.63
CA LYS A 5 -34.15 -6.11 -4.49
C LYS A 5 -32.75 -6.03 -3.85
N SER A 6 -32.09 -7.19 -3.70
CA SER A 6 -30.77 -7.28 -3.11
C SER A 6 -29.98 -8.43 -3.70
N ILE A 7 -28.68 -8.24 -3.83
CA ILE A 7 -27.81 -9.29 -4.36
C ILE A 7 -26.59 -9.43 -3.49
N THR A 8 -25.95 -10.58 -3.58
CA THR A 8 -24.70 -10.84 -2.90
C THR A 8 -23.67 -10.99 -4.01
N ILE A 9 -22.58 -10.21 -3.93
CA ILE A 9 -21.50 -10.30 -4.92
C ILE A 9 -20.29 -10.91 -4.23
N ALA A 10 -19.73 -11.95 -4.83
CA ALA A 10 -18.52 -12.55 -4.29
C ALA A 10 -17.30 -11.89 -4.89
N THR A 11 -16.29 -11.76 -4.07
CA THR A 11 -14.96 -11.33 -4.50
C THR A 11 -13.93 -12.20 -3.79
N GLU A 12 -12.68 -12.16 -4.27
CA GLU A 12 -11.64 -12.99 -3.68
C GLU A 12 -11.05 -12.36 -2.41
N GLY A 13 -10.59 -11.13 -2.54
CA GLY A 13 -9.95 -10.43 -1.43
C GLY A 13 -8.44 -10.60 -1.38
N SER A 14 -7.83 -11.15 -2.46
CA SER A 14 -6.38 -11.37 -2.52
C SER A 14 -5.79 -10.91 -3.84
N TYR A 15 -6.31 -9.79 -4.40
CA TYR A 15 -5.83 -9.30 -5.69
C TYR A 15 -5.89 -7.78 -5.72
N ALA A 16 -5.01 -7.13 -4.94
CA ALA A 16 -4.95 -5.68 -4.91
C ALA A 16 -4.49 -5.12 -6.27
N PRO A 17 -5.02 -3.99 -6.75
CA PRO A 17 -5.98 -3.11 -6.08
C PRO A 17 -7.43 -3.37 -6.50
N TYR A 18 -7.71 -4.53 -7.16
CA TYR A 18 -9.08 -4.84 -7.55
C TYR A 18 -9.92 -5.22 -6.31
N ASN A 19 -9.40 -6.12 -5.47
CA ASN A 19 -10.14 -6.59 -4.30
C ASN A 19 -9.15 -7.13 -3.31
N PHE A 20 -9.20 -6.60 -2.12
CA PHE A 20 -8.28 -6.98 -1.04
C PHE A 20 -8.85 -6.50 0.28
N LYS A 21 -8.07 -6.62 1.36
CA LYS A 21 -8.57 -6.26 2.67
C LYS A 21 -7.87 -5.07 3.27
N ASP A 22 -8.62 -4.18 3.90
CA ASP A 22 -8.05 -3.00 4.55
C ASP A 22 -7.54 -3.37 5.95
N ALA A 23 -7.03 -2.38 6.69
CA ALA A 23 -6.48 -2.60 8.04
C ALA A 23 -7.48 -3.22 9.02
N GLY A 24 -8.78 -2.94 8.82
CA GLY A 24 -9.86 -3.47 9.66
C GLY A 24 -10.44 -4.79 9.15
N GLY A 25 -9.87 -5.32 8.07
CA GLY A 25 -10.28 -6.60 7.46
C GLY A 25 -11.49 -6.49 6.55
N LYS A 26 -11.88 -5.26 6.17
CA LYS A 26 -13.02 -5.01 5.29
C LYS A 26 -12.58 -5.18 3.85
N LEU A 27 -13.45 -5.71 2.99
CA LEU A 27 -13.13 -5.84 1.56
C LEU A 27 -13.17 -4.45 0.92
N ILE A 28 -12.08 -4.13 0.20
CA ILE A 28 -11.93 -2.84 -0.48
C ILE A 28 -11.33 -3.08 -1.87
N GLY A 29 -11.34 -2.03 -2.67
CA GLY A 29 -10.73 -2.08 -3.99
C GLY A 29 -11.62 -1.60 -5.10
N PHE A 30 -11.04 -1.56 -6.31
CA PHE A 30 -11.77 -1.12 -7.50
C PHE A 30 -13.07 -1.94 -7.68
N ASP A 31 -13.01 -3.28 -7.54
CA ASP A 31 -14.20 -4.15 -7.73
C ASP A 31 -15.31 -3.81 -6.73
N ILE A 32 -14.92 -3.49 -5.49
CA ILE A 32 -15.87 -3.17 -4.43
C ILE A 32 -16.52 -1.81 -4.71
N ASP A 33 -15.69 -0.78 -4.99
CA ASP A 33 -16.23 0.55 -5.30
C ASP A 33 -17.10 0.52 -6.55
N LEU A 34 -16.65 -0.20 -7.60
CA LEU A 34 -17.47 -0.27 -8.81
C LEU A 34 -18.78 -1.04 -8.56
N GLY A 35 -18.69 -2.18 -7.88
CA GLY A 35 -19.87 -2.98 -7.56
C GLY A 35 -20.93 -2.19 -6.82
N ASN A 36 -20.49 -1.43 -5.81
CA ASN A 36 -21.42 -0.57 -5.06
C ASN A 36 -22.03 0.50 -5.97
N ASP A 37 -21.22 1.12 -6.86
CA ASP A 37 -21.71 2.14 -7.78
C ASP A 37 -22.74 1.57 -8.75
N LEU A 38 -22.47 0.38 -9.32
CA LEU A 38 -23.39 -0.27 -10.27
C LEU A 38 -24.71 -0.62 -9.61
N CYS A 39 -24.65 -1.13 -8.37
CA CYS A 39 -25.86 -1.51 -7.63
C CYS A 39 -26.71 -0.33 -7.28
N LYS A 40 -26.08 0.82 -7.03
CA LYS A 40 -26.80 2.07 -6.77
C LYS A 40 -27.58 2.46 -8.04
N ARG A 41 -26.95 2.34 -9.24
CA ARG A 41 -27.56 2.64 -10.53
C ARG A 41 -28.71 1.69 -10.85
N MET A 42 -28.58 0.42 -10.43
CA MET A 42 -29.59 -0.61 -10.67
C MET A 42 -30.74 -0.59 -9.62
N ASN A 43 -30.57 0.16 -8.52
CA ASN A 43 -31.48 0.24 -7.36
C ASN A 43 -31.57 -1.12 -6.65
N ILE A 44 -30.42 -1.75 -6.47
CA ILE A 44 -30.29 -3.06 -5.81
C ILE A 44 -29.41 -2.86 -4.58
N GLU A 45 -29.79 -3.47 -3.44
CA GLU A 45 -28.97 -3.47 -2.24
C GLU A 45 -27.79 -4.41 -2.54
N CYS A 46 -26.58 -4.01 -2.17
CA CYS A 46 -25.33 -4.70 -2.44
C CYS A 46 -24.66 -5.23 -1.17
N LYS A 47 -24.29 -6.52 -1.15
CA LYS A 47 -23.50 -7.11 -0.07
C LYS A 47 -22.30 -7.84 -0.70
N PHE A 48 -21.07 -7.51 -0.28
CA PHE A 48 -19.89 -8.22 -0.79
C PHE A 48 -19.48 -9.30 0.18
N VAL A 49 -19.14 -10.51 -0.34
CA VAL A 49 -18.68 -11.65 0.45
C VAL A 49 -17.34 -12.15 -0.07
N GLU A 50 -16.48 -12.63 0.84
CA GLU A 50 -15.18 -13.18 0.49
C GLU A 50 -15.35 -14.64 0.07
N GLN A 51 -14.64 -15.04 -0.99
CA GLN A 51 -14.67 -16.39 -1.51
C GLN A 51 -13.32 -16.73 -2.11
N ALA A 52 -12.73 -17.85 -1.67
CA ALA A 52 -11.45 -18.34 -2.21
C ALA A 52 -11.61 -18.61 -3.72
N TRP A 53 -10.55 -18.34 -4.46
CA TRP A 53 -10.58 -18.47 -5.92
C TRP A 53 -11.05 -19.84 -6.42
N ASP A 54 -10.56 -20.95 -5.83
CA ASP A 54 -10.93 -22.28 -6.32
C ASP A 54 -12.45 -22.52 -6.45
N GLY A 55 -13.21 -22.12 -5.46
CA GLY A 55 -14.65 -22.39 -5.52
C GLY A 55 -15.49 -21.22 -5.99
N ILE A 56 -14.88 -20.15 -6.52
CA ILE A 56 -15.67 -18.94 -6.82
C ILE A 56 -16.73 -19.16 -7.90
N ILE A 57 -16.40 -19.91 -8.97
CA ILE A 57 -17.38 -20.16 -10.02
C ILE A 57 -18.43 -21.23 -9.56
N PRO A 58 -18.03 -22.41 -9.04
CA PRO A 58 -19.04 -23.38 -8.58
C PRO A 58 -19.96 -22.85 -7.48
N SER A 59 -19.47 -21.95 -6.59
CA SER A 59 -20.34 -21.39 -5.57
C SER A 59 -21.37 -20.44 -6.20
N LEU A 60 -21.01 -19.79 -7.32
CA LEU A 60 -21.98 -18.95 -8.04
C LEU A 60 -23.06 -19.86 -8.68
N THR A 61 -22.63 -20.88 -9.44
CA THR A 61 -23.62 -21.76 -10.09
C THR A 61 -24.46 -22.59 -9.11
N ALA A 62 -23.92 -22.81 -7.89
CA ALA A 62 -24.64 -23.53 -6.83
C ALA A 62 -25.64 -22.61 -6.09
N GLY A 63 -25.63 -21.31 -6.42
CA GLY A 63 -26.55 -20.30 -5.87
C GLY A 63 -26.20 -19.74 -4.51
N ARG A 64 -24.91 -19.77 -4.14
CA ARG A 64 -24.47 -19.24 -2.84
C ARG A 64 -24.48 -17.71 -2.82
N TYR A 65 -24.41 -17.10 -4.02
CA TYR A 65 -24.44 -15.66 -4.26
C TYR A 65 -24.85 -15.42 -5.70
N ASP A 66 -25.03 -14.14 -6.08
CA ASP A 66 -25.60 -13.76 -7.37
C ASP A 66 -24.65 -13.33 -8.46
N ALA A 67 -23.44 -12.91 -8.09
CA ALA A 67 -22.50 -12.39 -9.10
C ALA A 67 -21.10 -12.46 -8.58
N ILE A 68 -20.12 -12.38 -9.49
CA ILE A 68 -18.71 -12.35 -9.11
C ILE A 68 -18.08 -11.06 -9.63
N MET A 69 -17.39 -10.31 -8.76
CA MET A 69 -16.58 -9.16 -9.19
C MET A 69 -15.26 -9.39 -8.49
N ALA A 70 -14.31 -10.02 -9.19
CA ALA A 70 -13.07 -10.48 -8.58
C ALA A 70 -11.92 -10.50 -9.58
N ALA A 71 -11.72 -9.38 -10.32
CA ALA A 71 -10.67 -9.28 -11.36
C ALA A 71 -10.76 -10.48 -12.28
N MET A 72 -12.00 -10.87 -12.65
CA MET A 72 -12.17 -12.06 -13.46
C MET A 72 -12.18 -11.75 -14.96
N GLY A 73 -11.16 -12.27 -15.66
CA GLY A 73 -11.12 -12.11 -17.11
C GLY A 73 -12.30 -12.82 -17.77
N ILE A 74 -12.83 -12.23 -18.86
CA ILE A 74 -13.95 -12.82 -19.61
C ILE A 74 -13.30 -13.84 -20.52
N GLN A 75 -13.02 -14.99 -19.91
CA GLN A 75 -12.22 -16.05 -20.48
C GLN A 75 -13.10 -17.05 -21.25
N PRO A 76 -12.72 -17.44 -22.48
CA PRO A 76 -13.55 -18.39 -23.24
C PRO A 76 -13.86 -19.70 -22.48
N ALA A 77 -12.90 -20.22 -21.72
CA ALA A 77 -13.19 -21.48 -21.00
C ALA A 77 -14.27 -21.23 -19.91
N ARG A 78 -14.18 -20.09 -19.19
CA ARG A 78 -15.19 -19.75 -18.17
C ARG A 78 -16.55 -19.55 -18.82
N GLU A 79 -16.57 -19.02 -20.06
CA GLU A 79 -17.85 -18.80 -20.75
C GLU A 79 -18.64 -20.10 -21.00
N LYS A 80 -17.97 -21.27 -20.92
CA LYS A 80 -18.68 -22.54 -21.06
C LYS A 80 -19.54 -22.80 -19.79
N VAL A 81 -19.20 -22.15 -18.67
CA VAL A 81 -19.81 -22.41 -17.35
C VAL A 81 -20.74 -21.29 -16.89
N ILE A 82 -20.31 -20.03 -17.08
CA ILE A 82 -21.11 -18.88 -16.62
C ILE A 82 -21.16 -17.82 -17.71
N ALA A 83 -22.02 -16.83 -17.50
CA ALA A 83 -22.12 -15.69 -18.38
C ALA A 83 -21.30 -14.54 -17.77
N PHE A 84 -21.05 -13.52 -18.60
CA PHE A 84 -20.38 -12.32 -18.11
C PHE A 84 -21.09 -11.09 -18.58
N SER A 85 -20.96 -10.03 -17.79
CA SER A 85 -21.37 -8.70 -18.22
C SER A 85 -20.41 -8.29 -19.36
N ARG A 86 -20.73 -7.15 -20.02
CA ARG A 86 -19.78 -6.58 -20.97
C ARG A 86 -18.54 -6.18 -20.09
N PRO A 87 -17.37 -5.96 -20.68
CA PRO A 87 -16.20 -5.59 -19.85
C PRO A 87 -16.38 -4.28 -19.07
N TYR A 88 -15.85 -4.25 -17.83
CA TYR A 88 -15.81 -3.01 -17.08
C TYR A 88 -14.38 -2.49 -16.97
N LEU A 89 -13.41 -3.27 -17.47
CA LEU A 89 -12.00 -2.87 -17.49
C LEU A 89 -11.32 -3.64 -18.61
N LEU A 90 -10.30 -3.03 -19.24
CA LEU A 90 -9.52 -3.71 -20.27
C LEU A 90 -8.07 -3.75 -19.82
N THR A 91 -7.40 -4.88 -20.08
CA THR A 91 -5.99 -5.01 -19.74
C THR A 91 -5.30 -6.06 -20.58
N PRO A 92 -4.05 -5.80 -20.97
CA PRO A 92 -3.22 -6.85 -21.52
C PRO A 92 -2.50 -7.57 -20.33
N ASN A 93 -1.70 -8.58 -20.68
CA ASN A 93 -1.02 -9.44 -19.72
C ASN A 93 0.45 -9.48 -20.05
N THR A 94 1.29 -9.45 -19.03
CA THR A 94 2.74 -9.40 -19.29
C THR A 94 3.53 -10.08 -18.15
N PHE A 95 4.84 -10.19 -18.38
CA PHE A 95 5.69 -10.90 -17.43
C PHE A 95 6.26 -10.02 -16.34
N LEU A 96 6.69 -10.67 -15.24
CA LEU A 96 7.24 -10.00 -14.07
C LEU A 96 8.51 -10.71 -13.64
N THR A 97 9.53 -9.95 -13.32
CA THR A 97 10.76 -10.51 -12.75
C THR A 97 11.38 -9.52 -11.76
N THR A 98 12.60 -9.82 -11.30
CA THR A 98 13.31 -8.93 -10.39
C THR A 98 14.10 -7.90 -11.22
N ALA A 99 14.40 -6.74 -10.60
CA ALA A 99 15.10 -5.65 -11.29
C ALA A 99 16.51 -6.01 -11.73
N ASP A 100 17.15 -7.00 -11.07
CA ASP A 100 18.50 -7.46 -11.40
C ASP A 100 18.51 -8.66 -12.37
N SER A 101 17.33 -9.09 -12.83
CA SER A 101 17.29 -10.27 -13.70
C SER A 101 17.90 -10.05 -15.10
N PRO A 102 18.68 -11.03 -15.60
CA PRO A 102 19.19 -10.93 -16.99
C PRO A 102 18.03 -11.03 -18.00
N LEU A 103 16.83 -11.49 -17.55
CA LEU A 103 15.67 -11.57 -18.44
C LEU A 103 15.28 -10.19 -18.98
N LEU A 104 15.60 -9.11 -18.21
CA LEU A 104 15.24 -7.73 -18.58
C LEU A 104 15.94 -7.20 -19.83
N LYS A 105 17.06 -7.79 -20.17
CA LYS A 105 17.83 -7.37 -21.33
C LYS A 105 17.26 -7.96 -22.61
N THR A 106 16.23 -8.85 -22.49
CA THR A 106 15.68 -9.50 -23.67
C THR A 106 14.98 -8.51 -24.58
N GLN A 107 15.35 -8.49 -25.88
CA GLN A 107 14.69 -7.61 -26.85
C GLN A 107 13.23 -8.04 -27.01
N VAL A 108 12.32 -7.07 -27.01
CA VAL A 108 10.91 -7.35 -27.29
C VAL A 108 10.68 -6.90 -28.74
N ALA A 109 10.34 -7.83 -29.62
CA ALA A 109 10.11 -7.51 -31.04
C ALA A 109 8.66 -7.06 -31.26
N ILE A 110 7.71 -7.59 -30.44
CA ILE A 110 6.30 -7.28 -30.58
C ILE A 110 5.79 -6.74 -29.23
N GLU A 111 5.67 -5.41 -29.14
CA GLU A 111 5.26 -4.75 -27.89
C GLU A 111 3.84 -5.14 -27.47
N ASN A 112 2.89 -5.11 -28.44
CA ASN A 112 1.50 -5.46 -28.21
C ASN A 112 1.21 -6.68 -29.05
N LEU A 113 1.09 -7.82 -28.37
CA LEU A 113 0.98 -9.11 -29.02
C LEU A 113 -0.43 -9.70 -28.89
N PRO A 114 -1.24 -9.63 -29.98
CA PRO A 114 -2.59 -10.21 -29.91
C PRO A 114 -2.52 -11.72 -30.18
N LEU A 115 -3.32 -12.52 -29.47
CA LEU A 115 -3.24 -13.97 -29.59
C LEU A 115 -4.41 -14.62 -30.29
N ASP A 116 -5.36 -13.82 -30.80
CA ASP A 116 -6.55 -14.43 -31.46
C ASP A 116 -6.26 -15.26 -32.71
N ASN A 117 -5.24 -14.86 -33.53
CA ASN A 117 -4.89 -15.49 -34.82
C ASN A 117 -3.38 -15.42 -35.04
N ILE A 118 -2.67 -16.27 -34.32
CA ILE A 118 -1.21 -16.25 -34.25
C ILE A 118 -0.54 -16.47 -35.60
N THR A 119 0.15 -15.45 -36.10
CA THR A 119 0.88 -15.51 -37.36
C THR A 119 2.26 -16.16 -37.16
N PRO A 120 3.01 -16.55 -38.22
CA PRO A 120 4.36 -17.08 -38.01
C PRO A 120 5.23 -16.06 -37.26
N GLU A 121 5.07 -14.75 -37.55
CA GLU A 121 5.86 -13.70 -36.85
C GLU A 121 5.59 -13.69 -35.33
N GLN A 122 4.31 -13.77 -34.96
CA GLN A 122 3.89 -13.78 -33.55
C GLN A 122 4.34 -15.07 -32.88
N LYS A 123 4.21 -16.20 -33.59
CA LYS A 123 4.65 -17.50 -33.04
C LYS A 123 6.17 -17.45 -32.78
N ALA A 124 6.93 -16.83 -33.71
CA ALA A 124 8.39 -16.74 -33.50
C ALA A 124 8.73 -15.94 -32.23
N GLU A 125 7.96 -14.88 -31.92
CA GLU A 125 8.19 -14.09 -30.71
C GLU A 125 7.84 -14.92 -29.48
N LEU A 126 6.70 -15.65 -29.50
CA LEU A 126 6.36 -16.52 -28.36
C LEU A 126 7.43 -17.59 -28.17
N ASP A 127 7.92 -18.18 -29.28
CA ASP A 127 8.92 -19.23 -29.21
C ASP A 127 10.26 -18.69 -28.67
N LYS A 128 10.62 -17.45 -29.04
CA LYS A 128 11.84 -16.83 -28.52
C LYS A 128 11.75 -16.74 -26.99
N PHE A 129 10.64 -16.20 -26.46
CA PHE A 129 10.49 -16.09 -24.99
C PHE A 129 10.44 -17.48 -24.35
N THR A 130 9.78 -18.46 -25.01
CA THR A 130 9.79 -19.82 -24.46
C THR A 130 11.25 -20.34 -24.30
N LYS A 131 12.12 -20.13 -25.32
CA LYS A 131 13.51 -20.57 -25.25
C LYS A 131 14.30 -19.85 -24.15
N ILE A 132 14.10 -18.51 -24.02
CA ILE A 132 14.78 -17.72 -22.98
C ILE A 132 14.37 -18.23 -21.59
N PHE A 133 13.11 -18.66 -21.47
CA PHE A 133 12.53 -19.16 -20.22
C PHE A 133 12.94 -20.59 -19.86
N GLU A 134 13.78 -21.23 -20.69
CA GLU A 134 14.27 -22.58 -20.36
C GLU A 134 15.20 -22.44 -19.14
N GLY A 135 14.93 -23.23 -18.10
CA GLY A 135 15.70 -23.12 -16.88
C GLY A 135 15.21 -22.01 -15.96
N VAL A 136 14.22 -21.20 -16.41
CA VAL A 136 13.68 -20.13 -15.54
C VAL A 136 12.48 -20.74 -14.80
N LYS A 137 12.44 -20.58 -13.47
CA LYS A 137 11.34 -21.14 -12.68
C LYS A 137 10.19 -20.11 -12.63
N PHE A 138 9.03 -20.42 -13.23
CA PHE A 138 7.88 -19.51 -13.19
C PHE A 138 6.96 -19.87 -12.06
N GLY A 139 6.28 -18.84 -11.53
CA GLY A 139 5.23 -19.02 -10.55
C GLY A 139 4.01 -18.25 -11.04
N VAL A 140 2.82 -18.86 -10.98
CA VAL A 140 1.60 -18.14 -11.37
C VAL A 140 0.50 -18.51 -10.36
N GLN A 141 -0.59 -17.72 -10.33
CA GLN A 141 -1.71 -18.07 -9.49
C GLN A 141 -2.48 -19.24 -10.16
N ALA A 142 -2.80 -20.26 -9.36
CA ALA A 142 -3.58 -21.41 -9.84
C ALA A 142 -4.98 -20.98 -10.29
N GLY A 143 -5.48 -21.67 -11.31
CA GLY A 143 -6.84 -21.47 -11.79
C GLY A 143 -7.08 -20.17 -12.53
N THR A 144 -6.01 -19.62 -13.16
CA THR A 144 -6.12 -18.37 -13.88
C THR A 144 -5.78 -18.55 -15.34
N SER A 145 -6.06 -17.51 -16.13
CA SER A 145 -5.65 -17.52 -17.54
C SER A 145 -4.11 -17.51 -17.65
N HIS A 146 -3.43 -16.98 -16.63
CA HIS A 146 -1.95 -16.95 -16.62
C HIS A 146 -1.41 -18.38 -16.53
N GLU A 147 -2.05 -19.22 -15.68
CA GLU A 147 -1.68 -20.64 -15.61
C GLU A 147 -1.98 -21.31 -16.96
N ALA A 148 -3.16 -21.02 -17.53
CA ALA A 148 -3.54 -21.63 -18.81
C ALA A 148 -2.59 -21.22 -19.93
N PHE A 149 -2.17 -19.95 -19.94
CA PHE A 149 -1.25 -19.48 -20.97
C PHE A 149 0.08 -20.26 -20.83
N MET A 150 0.62 -20.37 -19.62
CA MET A 150 1.91 -21.08 -19.48
C MET A 150 1.79 -22.56 -19.87
N LYS A 151 0.70 -23.22 -19.45
CA LYS A 151 0.53 -24.65 -19.77
C LYS A 151 0.23 -24.93 -21.23
N GLN A 152 -0.49 -24.03 -21.90
CA GLN A 152 -0.86 -24.21 -23.30
C GLN A 152 0.13 -23.63 -24.30
N MET A 153 0.63 -22.40 -24.00
CA MET A 153 1.51 -21.71 -24.92
C MET A 153 3.01 -21.89 -24.65
N MET A 154 3.38 -22.25 -23.40
CA MET A 154 4.81 -22.43 -23.03
C MET A 154 4.97 -23.70 -22.17
N PRO A 155 4.46 -24.85 -22.69
CA PRO A 155 4.48 -26.10 -21.90
C PRO A 155 5.85 -26.55 -21.43
N SER A 156 6.91 -26.21 -22.19
CA SER A 156 8.26 -26.63 -21.81
C SER A 156 8.84 -25.84 -20.63
N VAL A 157 8.17 -24.74 -20.21
CA VAL A 157 8.69 -23.91 -19.13
C VAL A 157 8.22 -24.49 -17.80
N GLN A 158 9.16 -24.55 -16.83
CA GLN A 158 8.83 -25.05 -15.50
C GLN A 158 7.86 -24.08 -14.83
N ILE A 159 6.75 -24.60 -14.33
CA ILE A 159 5.74 -23.79 -13.70
C ILE A 159 5.37 -24.32 -12.30
N SER A 160 5.17 -23.39 -11.35
CA SER A 160 4.64 -23.69 -10.02
C SER A 160 3.35 -22.87 -9.89
N THR A 161 2.29 -23.49 -9.34
CA THR A 161 1.03 -22.74 -9.18
C THR A 161 0.79 -22.51 -7.69
N TYR A 162 0.19 -21.35 -7.41
CA TYR A 162 0.00 -20.87 -6.06
C TYR A 162 -1.46 -20.55 -5.76
N ASP A 163 -1.83 -20.69 -4.48
CA ASP A 163 -3.19 -20.38 -4.07
C ASP A 163 -3.54 -18.89 -4.35
N THR A 164 -2.61 -17.97 -4.01
CA THR A 164 -2.85 -16.54 -4.22
C THR A 164 -1.68 -15.85 -4.91
N ILE A 165 -1.96 -14.72 -5.58
CA ILE A 165 -0.87 -13.95 -6.21
C ILE A 165 0.09 -13.40 -5.13
N ASP A 166 -0.42 -13.17 -3.91
CA ASP A 166 0.42 -12.67 -2.83
C ASP A 166 1.56 -13.64 -2.52
N ASN A 167 1.27 -14.96 -2.57
CA ASN A 167 2.32 -15.97 -2.35
C ASN A 167 3.30 -16.06 -3.54
N VAL A 168 2.80 -15.78 -4.77
CA VAL A 168 3.69 -15.73 -5.93
C VAL A 168 4.71 -14.59 -5.74
N VAL A 169 4.22 -13.37 -5.42
CA VAL A 169 5.09 -12.22 -5.23
C VAL A 169 6.09 -12.46 -4.09
N MET A 170 5.63 -13.06 -2.98
CA MET A 170 6.49 -13.42 -1.84
C MET A 170 7.65 -14.32 -2.31
N ASP A 171 7.34 -15.38 -3.10
CA ASP A 171 8.37 -16.30 -3.58
C ASP A 171 9.31 -15.68 -4.62
N LEU A 172 8.80 -14.71 -5.41
CA LEU A 172 9.64 -14.01 -6.39
C LEU A 172 10.65 -13.12 -5.63
N LYS A 173 10.15 -12.39 -4.60
CA LYS A 173 11.01 -11.54 -3.80
C LYS A 173 12.08 -12.38 -3.08
N ALA A 174 11.71 -13.60 -2.64
CA ALA A 174 12.61 -14.53 -1.93
C ALA A 174 13.59 -15.31 -2.82
N GLY A 175 13.36 -15.29 -4.14
CA GLY A 175 14.22 -16.00 -5.09
C GLY A 175 13.86 -17.47 -5.26
N ARG A 176 12.67 -17.88 -4.76
CA ARG A 176 12.20 -19.27 -4.91
C ARG A 176 11.65 -19.54 -6.33
N ILE A 177 11.19 -18.46 -7.00
CA ILE A 177 10.80 -18.45 -8.41
C ILE A 177 11.56 -17.29 -9.05
N ASP A 178 11.67 -17.31 -10.40
CA ASP A 178 12.44 -16.32 -11.17
C ASP A 178 11.59 -15.32 -11.93
N ALA A 179 10.33 -15.70 -12.22
CA ALA A 179 9.48 -14.83 -13.01
C ALA A 179 8.02 -15.24 -12.79
N SER A 180 7.11 -14.37 -13.20
CA SER A 180 5.67 -14.64 -13.15
C SER A 180 5.00 -13.97 -14.38
N LEU A 181 3.67 -14.11 -14.42
CA LEU A 181 2.81 -13.60 -15.49
C LEU A 181 1.51 -13.19 -14.83
N ALA A 182 1.04 -11.97 -15.14
CA ALA A 182 -0.25 -11.50 -14.64
C ALA A 182 -0.69 -10.32 -15.51
N SER A 183 -1.86 -9.73 -15.21
CA SER A 183 -2.28 -8.61 -16.04
C SER A 183 -1.46 -7.36 -15.73
N VAL A 184 -1.39 -6.45 -16.72
CA VAL A 184 -0.76 -5.14 -16.49
C VAL A 184 -1.56 -4.41 -15.40
N SER A 185 -2.90 -4.57 -15.38
CA SER A 185 -3.71 -3.89 -14.35
C SER A 185 -3.28 -4.32 -12.92
N PHE A 186 -2.79 -5.55 -12.75
CA PHE A 186 -2.27 -5.99 -11.44
C PHE A 186 -0.80 -5.54 -11.28
N LEU A 187 0.00 -5.79 -12.33
CA LEU A 187 1.46 -5.57 -12.25
C LEU A 187 1.91 -4.11 -12.22
N LYS A 188 1.18 -3.22 -12.91
CA LYS A 188 1.60 -1.81 -12.92
C LYS A 188 1.50 -1.20 -11.52
N PRO A 189 0.34 -1.27 -10.83
CA PRO A 189 0.32 -0.72 -9.45
C PRO A 189 1.29 -1.46 -8.53
N LEU A 190 1.48 -2.77 -8.70
CA LEU A 190 2.45 -3.52 -7.86
C LEU A 190 3.88 -2.90 -8.03
N THR A 191 4.34 -2.77 -9.31
CA THR A 191 5.68 -2.26 -9.59
C THR A 191 5.84 -0.77 -9.42
N ASP A 192 4.73 -0.03 -9.35
CA ASP A 192 4.80 1.43 -9.10
C ASP A 192 5.07 1.72 -7.63
N LYS A 193 4.79 0.75 -6.73
CA LYS A 193 5.04 0.99 -5.30
C LYS A 193 6.52 1.11 -5.04
N PRO A 194 6.95 2.08 -4.21
CA PRO A 194 8.39 2.18 -3.86
C PRO A 194 8.87 0.89 -3.16
N ASP A 195 7.94 0.16 -2.49
CA ASP A 195 8.17 -1.13 -1.84
C ASP A 195 8.73 -2.18 -2.85
N ASN A 196 8.36 -2.02 -4.12
CA ASN A 196 8.68 -2.94 -5.21
C ASN A 196 9.60 -2.39 -6.30
N LYS A 197 10.54 -1.48 -5.93
CA LYS A 197 11.52 -0.98 -6.90
C LYS A 197 12.40 -2.11 -7.42
N ASP A 198 12.43 -3.22 -6.67
CA ASP A 198 13.21 -4.40 -7.03
C ASP A 198 12.45 -5.38 -7.95
N LEU A 199 11.22 -5.01 -8.39
CA LEU A 199 10.43 -5.82 -9.32
C LEU A 199 10.19 -5.05 -10.60
N LYS A 200 10.16 -5.74 -11.76
CA LYS A 200 9.96 -5.06 -13.02
C LYS A 200 9.12 -5.90 -13.98
N MET A 201 8.23 -5.22 -14.73
CA MET A 201 7.45 -5.84 -15.81
C MET A 201 8.38 -5.97 -17.02
N PHE A 202 8.14 -6.97 -17.87
CA PHE A 202 8.94 -7.11 -19.10
C PHE A 202 8.22 -7.99 -20.10
N GLY A 203 8.69 -7.93 -21.34
CA GLY A 203 8.16 -8.79 -22.40
C GLY A 203 7.00 -8.19 -23.16
N PRO A 204 6.44 -8.97 -24.10
CA PRO A 204 5.26 -8.49 -24.84
C PRO A 204 4.08 -8.27 -23.90
N ARG A 205 3.16 -7.36 -24.31
CA ARG A 205 1.90 -7.11 -23.59
C ARG A 205 0.86 -7.86 -24.42
N MET A 206 0.33 -8.95 -23.87
CA MET A 206 -0.52 -9.88 -24.62
C MET A 206 -2.00 -9.71 -24.38
N THR A 207 -2.78 -9.89 -25.46
CA THR A 207 -4.25 -9.81 -25.37
C THR A 207 -4.86 -10.94 -26.17
N GLY A 208 -6.12 -11.25 -25.86
CA GLY A 208 -6.89 -12.21 -26.64
C GLY A 208 -6.49 -13.65 -26.46
N GLY A 209 -6.83 -14.47 -27.46
CA GLY A 209 -6.60 -15.91 -27.34
C GLY A 209 -7.32 -16.42 -26.10
N LEU A 210 -6.66 -17.28 -25.35
CA LEU A 210 -7.25 -17.88 -24.15
C LEU A 210 -7.58 -16.86 -23.04
N PHE A 211 -6.99 -15.64 -23.12
CA PHE A 211 -7.30 -14.60 -22.10
C PHE A 211 -8.68 -14.00 -22.33
N GLY A 212 -9.21 -14.12 -23.55
CA GLY A 212 -10.47 -13.44 -23.89
C GLY A 212 -10.23 -11.94 -23.96
N LYS A 213 -11.25 -11.13 -23.66
CA LYS A 213 -11.09 -9.67 -23.71
C LYS A 213 -11.82 -9.07 -22.53
N GLY A 214 -11.08 -8.31 -21.73
CA GLY A 214 -11.65 -7.56 -20.62
C GLY A 214 -11.88 -8.34 -19.35
N VAL A 215 -12.31 -7.59 -18.32
CA VAL A 215 -12.68 -8.10 -16.99
C VAL A 215 -14.16 -7.83 -16.85
N GLY A 216 -14.91 -8.84 -16.39
CA GLY A 216 -16.37 -8.68 -16.31
C GLY A 216 -16.99 -9.26 -15.05
N VAL A 217 -18.27 -8.95 -14.86
CA VAL A 217 -19.03 -9.51 -13.73
C VAL A 217 -19.47 -10.92 -14.14
N GLY A 218 -19.15 -11.93 -13.33
CA GLY A 218 -19.58 -13.31 -13.59
C GLY A 218 -21.00 -13.48 -13.06
N ILE A 219 -21.88 -14.05 -13.90
CA ILE A 219 -23.31 -14.20 -13.57
C ILE A 219 -23.78 -15.55 -14.08
N ARG A 220 -24.74 -16.18 -13.39
CA ARG A 220 -25.25 -17.48 -13.89
C ARG A 220 -25.88 -17.27 -15.27
N LYS A 221 -25.70 -18.26 -16.15
CA LYS A 221 -26.23 -18.18 -17.52
C LYS A 221 -27.74 -17.94 -17.57
N GLU A 222 -28.50 -18.53 -16.63
CA GLU A 222 -29.97 -18.38 -16.61
C GLU A 222 -30.44 -16.99 -16.19
N ASP A 223 -29.57 -16.20 -15.54
CA ASP A 223 -29.93 -14.88 -15.03
C ASP A 223 -29.72 -13.79 -16.09
N ALA A 224 -30.46 -13.92 -17.22
CA ALA A 224 -30.37 -12.98 -18.34
C ALA A 224 -30.79 -11.55 -17.93
N ASP A 225 -31.84 -11.42 -17.11
CA ASP A 225 -32.29 -10.10 -16.64
C ASP A 225 -31.21 -9.42 -15.79
N LEU A 226 -30.52 -10.18 -14.90
CA LEU A 226 -29.46 -9.61 -14.07
C LEU A 226 -28.27 -9.13 -14.93
N LYS A 227 -27.91 -9.90 -15.98
CA LYS A 227 -26.87 -9.49 -16.91
C LYS A 227 -27.28 -8.19 -17.63
N ALA A 228 -28.55 -8.10 -18.10
CA ALA A 228 -29.01 -6.90 -18.78
C ALA A 228 -28.93 -5.68 -17.86
N LEU A 229 -29.27 -5.86 -16.56
CA LEU A 229 -29.20 -4.78 -15.56
C LEU A 229 -27.74 -4.35 -15.35
N PHE A 230 -26.81 -5.32 -15.20
CA PHE A 230 -25.40 -4.96 -15.06
C PHE A 230 -24.85 -4.27 -16.31
N ASP A 231 -25.18 -4.77 -17.51
CA ASP A 231 -24.67 -4.19 -18.78
C ASP A 231 -25.10 -2.74 -18.95
N LYS A 232 -26.36 -2.44 -18.61
CA LYS A 232 -26.90 -1.08 -18.68
C LYS A 232 -26.14 -0.19 -17.67
N ALA A 233 -25.94 -0.70 -16.42
CA ALA A 233 -25.24 0.09 -15.39
C ALA A 233 -23.77 0.34 -15.74
N ILE A 234 -23.08 -0.69 -16.29
CA ILE A 234 -21.69 -0.55 -16.71
C ILE A 234 -21.55 0.47 -17.84
N ASP A 235 -22.43 0.38 -18.87
CA ASP A 235 -22.42 1.34 -19.98
C ASP A 235 -22.54 2.77 -19.42
N ALA A 236 -23.44 2.97 -18.43
CA ALA A 236 -23.66 4.29 -17.82
C ALA A 236 -22.45 4.77 -17.00
N ALA A 237 -21.81 3.84 -16.25
CA ALA A 237 -20.64 4.14 -15.44
C ALA A 237 -19.42 4.45 -16.32
N ILE A 238 -19.33 3.84 -17.51
CA ILE A 238 -18.23 4.17 -18.44
C ILE A 238 -18.51 5.55 -19.03
N ALA A 239 -19.73 5.75 -19.58
CA ALA A 239 -20.14 6.97 -20.25
C ALA A 239 -19.93 8.23 -19.41
N ASP A 240 -20.28 8.19 -18.09
CA ASP A 240 -20.15 9.37 -17.24
C ASP A 240 -18.77 9.60 -16.61
N GLY A 241 -17.79 8.76 -16.96
CA GLY A 241 -16.43 8.88 -16.44
C GLY A 241 -16.16 8.22 -15.09
N THR A 242 -17.17 7.51 -14.50
CA THR A 242 -16.99 6.83 -13.20
C THR A 242 -15.92 5.73 -13.27
N VAL A 243 -15.96 4.89 -14.30
CA VAL A 243 -14.97 3.80 -14.40
C VAL A 243 -13.56 4.40 -14.53
N GLN A 244 -13.39 5.43 -15.37
CA GLN A 244 -12.10 6.13 -15.53
C GLN A 244 -11.61 6.70 -14.19
N LYS A 245 -12.52 7.36 -13.43
CA LYS A 245 -12.20 7.95 -12.13
C LYS A 245 -11.73 6.87 -11.14
N LEU A 246 -12.50 5.76 -11.03
CA LEU A 246 -12.13 4.68 -10.11
C LEU A 246 -10.85 3.98 -10.54
N SER A 247 -10.63 3.87 -11.87
CA SER A 247 -9.44 3.21 -12.40
C SER A 247 -8.22 4.03 -12.00
N GLN A 248 -8.29 5.37 -12.19
CA GLN A 248 -7.17 6.23 -11.79
CA GLN A 248 -7.19 6.25 -11.80
C GLN A 248 -6.91 6.15 -10.29
N GLN A 249 -7.96 6.12 -9.47
CA GLN A 249 -7.85 6.03 -8.02
C GLN A 249 -7.10 4.79 -7.55
N TRP A 250 -7.51 3.62 -8.07
CA TRP A 250 -6.96 2.34 -7.62
C TRP A 250 -5.73 1.87 -8.36
N PHE A 251 -5.71 2.04 -9.70
CA PHE A 251 -4.62 1.56 -10.55
C PHE A 251 -3.55 2.59 -10.87
N GLY A 252 -3.86 3.86 -10.76
CA GLY A 252 -2.89 4.90 -11.08
C GLY A 252 -2.85 5.24 -12.56
N TYR A 253 -3.77 4.65 -13.35
CA TYR A 253 -3.90 4.91 -14.79
C TYR A 253 -5.31 4.54 -15.22
N ASP A 254 -5.67 4.91 -16.46
CA ASP A 254 -7.00 4.67 -16.99
C ASP A 254 -7.08 3.37 -17.80
N ALA A 255 -7.72 2.35 -17.21
CA ALA A 255 -7.90 1.07 -17.87
C ALA A 255 -9.37 0.86 -18.30
N SER A 256 -10.18 1.94 -18.28
CA SER A 256 -11.59 1.83 -18.62
C SER A 256 -11.81 1.51 -20.09
N PRO A 257 -12.86 0.74 -20.43
CA PRO A 257 -13.12 0.41 -21.84
C PRO A 257 -13.53 1.66 -22.63
N TYR B 4 35.18 4.84 12.02
CA TYR B 4 34.14 3.82 11.84
C TYR B 4 34.31 3.07 10.52
N LYS B 5 34.01 1.77 10.55
CA LYS B 5 34.07 0.90 9.38
C LYS B 5 32.68 0.38 9.01
N SER B 6 31.89 -0.01 10.04
CA SER B 6 30.53 -0.52 9.89
C SER B 6 29.68 -0.19 11.10
N ILE B 7 28.40 0.14 10.87
CA ILE B 7 27.45 0.44 11.93
C ILE B 7 26.15 -0.33 11.74
N THR B 8 25.49 -0.65 12.86
CA THR B 8 24.20 -1.31 12.85
C THR B 8 23.19 -0.24 13.20
N ILE B 9 22.16 -0.08 12.35
CA ILE B 9 21.10 0.89 12.59
C ILE B 9 19.83 0.13 12.90
N ALA B 10 19.20 0.45 14.03
CA ALA B 10 17.94 -0.17 14.36
C ALA B 10 16.80 0.64 13.79
N THR B 11 15.78 -0.08 13.35
CA THR B 11 14.52 0.51 12.92
C THR B 11 13.40 -0.36 13.50
N GLU B 12 12.18 0.17 13.49
CA GLU B 12 11.05 -0.56 14.04
C GLU B 12 10.48 -1.58 13.06
N GLY B 13 10.14 -1.10 11.86
CA GLY B 13 9.52 -1.94 10.83
C GLY B 13 8.00 -1.96 10.89
N SER B 14 7.40 -1.02 11.66
CA SER B 14 5.94 -0.94 11.80
C SER B 14 5.44 0.51 11.68
N TYR B 15 6.06 1.30 10.80
CA TYR B 15 5.66 2.69 10.64
C TYR B 15 5.84 3.13 9.19
N ALA B 16 5.00 2.60 8.30
CA ALA B 16 5.05 2.95 6.89
C ALA B 16 4.67 4.43 6.70
N PRO B 17 5.33 5.14 5.75
CA PRO B 17 6.34 4.68 4.79
C PRO B 17 7.77 4.92 5.26
N TYR B 18 7.98 5.24 6.55
CA TYR B 18 9.33 5.45 7.08
C TYR B 18 10.08 4.11 7.15
N ASN B 19 9.47 3.11 7.78
CA ASN B 19 10.10 1.81 7.95
C ASN B 19 9.05 0.77 8.14
N PHE B 20 9.08 -0.24 7.28
CA PHE B 20 8.09 -1.31 7.29
C PHE B 20 8.65 -2.48 6.51
N LYS B 21 7.83 -3.50 6.26
CA LYS B 21 8.27 -4.72 5.61
C LYS B 21 7.64 -4.93 4.26
N ASP B 22 8.43 -5.37 3.27
CA ASP B 22 7.92 -5.67 1.93
C ASP B 22 7.31 -7.08 1.88
N ALA B 23 6.85 -7.53 0.71
CA ALA B 23 6.24 -8.85 0.54
C ALA B 23 7.14 -10.02 0.96
N GLY B 24 8.46 -9.83 0.85
CA GLY B 24 9.45 -10.84 1.23
C GLY B 24 9.93 -10.72 2.67
N GLY B 25 9.38 -9.76 3.40
CA GLY B 25 9.72 -9.53 4.81
C GLY B 25 10.97 -8.69 5.03
N LYS B 26 11.47 -8.06 3.96
CA LYS B 26 12.67 -7.21 4.01
C LYS B 26 12.28 -5.84 4.54
N LEU B 27 13.15 -5.21 5.35
CA LEU B 27 12.92 -3.85 5.85
C LEU B 27 13.09 -2.87 4.71
N ILE B 28 12.08 -2.02 4.51
CA ILE B 28 12.05 -1.02 3.45
C ILE B 28 11.50 0.28 4.01
N GLY B 29 11.64 1.33 3.21
CA GLY B 29 11.07 2.63 3.58
C GLY B 29 12.06 3.77 3.48
N PHE B 30 11.53 4.96 3.72
CA PHE B 30 12.32 6.19 3.69
C PHE B 30 13.55 6.09 4.62
N ASP B 31 13.37 5.61 5.88
CA ASP B 31 14.47 5.51 6.84
C ASP B 31 15.57 4.56 6.34
N ILE B 32 15.18 3.47 5.67
CA ILE B 32 16.12 2.46 5.16
C ILE B 32 16.90 3.06 3.97
N ASP B 33 16.17 3.65 2.99
CA ASP B 33 16.83 4.26 1.84
C ASP B 33 17.74 5.42 2.27
N LEU B 34 17.28 6.27 3.22
CA LEU B 34 18.11 7.37 3.68
C LEU B 34 19.33 6.86 4.44
N GLY B 35 19.12 5.92 5.35
CA GLY B 35 20.21 5.34 6.12
C GLY B 35 21.31 4.78 5.25
N ASN B 36 20.93 4.03 4.21
CA ASN B 36 21.90 3.48 3.27
C ASN B 36 22.64 4.60 2.52
N ASP B 37 21.92 5.65 2.12
CA ASP B 37 22.51 6.79 1.42
C ASP B 37 23.54 7.53 2.32
N LEU B 38 23.17 7.77 3.59
CA LEU B 38 24.03 8.45 4.55
C LEU B 38 25.32 7.67 4.82
N CYS B 39 25.20 6.35 5.02
CA CYS B 39 26.38 5.51 5.28
C CYS B 39 27.32 5.49 4.08
N LYS B 40 26.76 5.53 2.85
CA LYS B 40 27.56 5.59 1.62
C LYS B 40 28.42 6.87 1.64
N ARG B 41 27.83 8.01 2.05
CA ARG B 41 28.51 9.31 2.16
C ARG B 41 29.59 9.32 3.24
N MET B 42 29.38 8.55 4.32
CA MET B 42 30.29 8.43 5.46
C MET B 42 31.39 7.36 5.23
N ASN B 43 31.30 6.61 4.10
CA ASN B 43 32.20 5.50 3.73
C ASN B 43 32.23 4.40 4.82
N ILE B 44 31.02 4.05 5.28
CA ILE B 44 30.82 3.01 6.28
C ILE B 44 29.80 1.99 5.77
N GLU B 45 30.01 0.71 6.12
CA GLU B 45 29.08 -0.37 5.77
C GLU B 45 27.84 -0.20 6.66
N CYS B 46 26.66 -0.50 6.11
CA CYS B 46 25.38 -0.31 6.78
C CYS B 46 24.60 -1.62 6.94
N LYS B 47 24.13 -1.92 8.16
CA LYS B 47 23.26 -3.06 8.42
C LYS B 47 22.04 -2.58 9.19
N PHE B 48 20.83 -2.86 8.68
CA PHE B 48 19.59 -2.50 9.37
C PHE B 48 19.06 -3.70 10.14
N VAL B 49 18.65 -3.48 11.40
CA VAL B 49 18.07 -4.52 12.26
C VAL B 49 16.70 -4.09 12.74
N GLU B 50 15.78 -5.06 12.90
CA GLU B 50 14.44 -4.81 13.41
C GLU B 50 14.49 -4.80 14.94
N GLN B 51 13.80 -3.82 15.54
CA GLN B 51 13.72 -3.68 16.99
C GLN B 51 12.37 -3.10 17.35
N ALA B 52 11.66 -3.76 18.26
CA ALA B 52 10.36 -3.29 18.74
C ALA B 52 10.52 -1.94 19.42
N TRP B 53 9.54 -1.06 19.26
CA TRP B 53 9.59 0.30 19.78
C TRP B 53 9.91 0.39 21.26
N ASP B 54 9.28 -0.44 22.09
CA ASP B 54 9.49 -0.39 23.54
C ASP B 54 10.96 -0.39 23.99
N GLY B 55 11.77 -1.27 23.39
CA GLY B 55 13.17 -1.34 23.79
C GLY B 55 14.16 -0.66 22.88
N ILE B 56 13.67 0.17 21.91
CA ILE B 56 14.58 0.78 20.95
C ILE B 56 15.64 1.71 21.55
N ILE B 57 15.26 2.55 22.53
CA ILE B 57 16.22 3.45 23.16
C ILE B 57 17.15 2.68 24.13
N PRO B 58 16.61 1.87 25.08
CA PRO B 58 17.51 1.13 25.98
C PRO B 58 18.48 0.18 25.25
N SER B 59 18.06 -0.42 24.12
CA SER B 59 18.97 -1.29 23.36
C SER B 59 20.08 -0.47 22.69
N LEU B 60 19.81 0.80 22.35
CA LEU B 60 20.86 1.68 21.81
C LEU B 60 21.86 2.01 22.94
N THR B 61 21.36 2.50 24.09
CA THR B 61 22.26 2.86 25.20
C THR B 61 23.00 1.65 25.78
N ALA B 62 22.44 0.43 25.63
CA ALA B 62 23.09 -0.81 26.09
C ALA B 62 24.15 -1.32 25.08
N GLY B 63 24.22 -0.68 23.92
CA GLY B 63 25.19 -1.01 22.88
C GLY B 63 24.88 -2.16 21.94
N ARG B 64 23.57 -2.49 21.77
CA ARG B 64 23.14 -3.58 20.87
C ARG B 64 23.31 -3.20 19.39
N TYR B 65 23.35 -1.88 19.13
CA TYR B 65 23.52 -1.27 17.82
C TYR B 65 24.00 0.17 17.98
N ASP B 66 24.33 0.83 16.88
CA ASP B 66 24.94 2.16 16.91
C ASP B 66 24.07 3.37 16.70
N ALA B 67 22.89 3.20 16.11
CA ALA B 67 22.03 4.33 15.81
C ALA B 67 20.60 3.88 15.63
N ILE B 68 19.67 4.84 15.70
CA ILE B 68 18.25 4.55 15.47
C ILE B 68 17.76 5.42 14.32
N MET B 69 17.12 4.79 13.30
CA MET B 69 16.43 5.54 12.24
C MET B 69 15.09 4.86 12.17
N ALA B 70 14.12 5.42 12.89
CA ALA B 70 12.82 4.78 13.07
C ALA B 70 11.71 5.82 13.28
N ALA B 71 11.65 6.84 12.40
CA ALA B 71 10.67 7.93 12.49
C ALA B 71 10.70 8.52 13.91
N MET B 72 11.90 8.70 14.46
CA MET B 72 12.01 9.20 15.82
C MET B 72 12.06 10.72 15.92
N GLY B 73 11.05 11.32 16.54
CA GLY B 73 11.04 12.76 16.75
C GLY B 73 12.17 13.18 17.68
N ILE B 74 12.78 14.35 17.42
CA ILE B 74 13.86 14.89 18.27
C ILE B 74 13.15 15.54 19.44
N GLN B 75 12.75 14.69 20.37
CA GLN B 75 11.91 15.01 21.51
C GLN B 75 12.74 15.46 22.71
N PRO B 76 12.39 16.61 23.34
CA PRO B 76 13.17 17.09 24.50
C PRO B 76 13.38 16.06 25.61
N ALA B 77 12.35 15.23 25.91
CA ALA B 77 12.53 14.22 26.96
C ALA B 77 13.57 13.17 26.55
N ARG B 78 13.56 12.72 25.27
CA ARG B 78 14.55 11.78 24.73
C ARG B 78 15.94 12.41 24.74
N GLU B 79 16.02 13.75 24.51
CA GLU B 79 17.29 14.48 24.50
C GLU B 79 18.04 14.38 25.85
N LYS B 80 17.34 13.96 26.93
CA LYS B 80 17.95 13.75 28.26
C LYS B 80 18.69 12.39 28.32
N VAL B 81 18.33 11.45 27.42
CA VAL B 81 18.84 10.07 27.42
C VAL B 81 19.84 9.81 26.28
N ILE B 82 19.49 10.28 25.07
CA ILE B 82 20.31 10.08 23.88
C ILE B 82 20.58 11.41 23.16
N ALA B 83 21.48 11.38 22.17
CA ALA B 83 21.73 12.52 21.32
C ALA B 83 20.99 12.26 20.01
N PHE B 84 20.86 13.31 19.19
CA PHE B 84 20.26 13.20 17.89
C PHE B 84 21.09 13.92 16.87
N SER B 85 21.00 13.43 15.64
CA SER B 85 21.58 14.12 14.50
C SER B 85 20.71 15.38 14.29
N ARG B 86 21.14 16.23 13.38
CA ARG B 86 20.33 17.35 12.96
C ARG B 86 19.08 16.72 12.24
N PRO B 87 17.91 17.41 12.17
CA PRO B 87 16.73 16.80 11.52
C PRO B 87 16.96 16.38 10.08
N TYR B 88 16.42 15.20 9.71
CA TYR B 88 16.46 14.78 8.31
C TYR B 88 15.07 14.87 7.68
N LEU B 89 14.05 15.20 8.49
CA LEU B 89 12.67 15.37 8.05
C LEU B 89 11.94 16.30 9.02
N LEU B 90 10.97 17.07 8.52
CA LEU B 90 10.16 17.96 9.37
C LEU B 90 8.70 17.59 9.21
N THR B 91 7.95 17.63 10.33
CA THR B 91 6.52 17.31 10.28
C THR B 91 5.73 17.86 11.45
N PRO B 92 4.49 18.34 11.19
CA PRO B 92 3.57 18.64 12.29
C PRO B 92 2.83 17.36 12.67
N ASN B 93 1.94 17.47 13.66
CA ASN B 93 1.20 16.34 14.20
C ASN B 93 -0.27 16.69 14.26
N THR B 94 -1.13 15.72 13.93
CA THR B 94 -2.57 16.03 13.88
C THR B 94 -3.41 14.79 14.22
N PHE B 95 -4.73 15.01 14.29
CA PHE B 95 -5.64 13.96 14.69
C PHE B 95 -6.16 13.15 13.51
N LEU B 96 -6.64 11.93 13.81
CA LEU B 96 -7.18 11.00 12.82
C LEU B 96 -8.50 10.43 13.31
N THR B 97 -9.49 10.35 12.43
CA THR B 97 -10.76 9.71 12.73
C THR B 97 -11.36 9.11 11.46
N THR B 98 -12.61 8.61 11.53
CA THR B 98 -13.30 8.06 10.37
C THR B 98 -14.00 9.20 9.63
N ALA B 99 -14.23 9.00 8.32
CA ALA B 99 -14.87 10.00 7.46
C ALA B 99 -16.30 10.38 7.88
N ASP B 100 -17.00 9.46 8.58
CA ASP B 100 -18.36 9.67 9.05
C ASP B 100 -18.43 10.18 10.49
N SER B 101 -17.27 10.45 11.12
CA SER B 101 -17.26 10.88 12.51
C SER B 101 -17.87 12.25 12.76
N PRO B 102 -18.69 12.39 13.83
CA PRO B 102 -19.19 13.73 14.19
C PRO B 102 -18.07 14.65 14.67
N LEU B 103 -16.87 14.09 14.97
CA LEU B 103 -15.69 14.89 15.35
C LEU B 103 -15.27 15.85 14.23
N LEU B 104 -15.54 15.49 12.97
CA LEU B 104 -15.20 16.32 11.81
C LEU B 104 -16.03 17.61 11.71
N LYS B 105 -17.14 17.72 12.49
CA LYS B 105 -18.03 18.90 12.50
C LYS B 105 -17.52 20.07 13.34
N THR B 106 -16.55 19.81 14.24
CA THR B 106 -15.94 20.86 15.05
C THR B 106 -15.00 21.68 14.16
N GLN B 107 -15.25 22.98 14.03
CA GLN B 107 -14.48 23.91 13.20
C GLN B 107 -13.05 24.02 13.73
N VAL B 108 -12.07 24.18 12.81
CA VAL B 108 -10.68 24.41 13.19
C VAL B 108 -10.43 25.92 13.09
N ALA B 109 -10.15 26.57 14.23
CA ALA B 109 -9.90 28.01 14.28
C ALA B 109 -8.43 28.32 13.99
N ILE B 110 -7.52 27.39 14.36
CA ILE B 110 -6.08 27.56 14.17
C ILE B 110 -5.55 26.37 13.39
N GLU B 111 -5.32 26.57 12.09
CA GLU B 111 -4.83 25.52 11.20
C GLU B 111 -3.42 25.00 11.61
N ASN B 112 -2.49 25.93 11.88
CA ASN B 112 -1.12 25.62 12.29
C ASN B 112 -0.94 26.13 13.71
N LEU B 113 -0.86 25.20 14.65
CA LEU B 113 -0.79 25.44 16.08
C LEU B 113 0.60 25.12 16.68
N PRO B 114 1.47 26.17 16.84
CA PRO B 114 2.77 25.92 17.48
C PRO B 114 2.56 25.81 19.00
N LEU B 115 3.29 24.92 19.67
CA LEU B 115 3.13 24.67 21.12
C LEU B 115 4.27 25.23 21.97
N ASP B 116 5.19 25.99 21.38
CA ASP B 116 6.35 26.51 22.11
C ASP B 116 6.04 27.58 23.16
N ASN B 117 5.03 28.42 22.90
CA ASN B 117 4.63 29.53 23.78
C ASN B 117 3.13 29.76 23.68
N ILE B 118 2.37 28.85 24.27
CA ILE B 118 0.91 28.80 24.18
C ILE B 118 0.21 30.07 24.65
N THR B 119 -0.46 30.74 23.71
CA THR B 119 -1.20 31.98 23.97
C THR B 119 -2.62 31.63 24.50
N PRO B 120 -3.40 32.60 25.04
CA PRO B 120 -4.78 32.25 25.45
C PRO B 120 -5.59 31.73 24.26
N GLU B 121 -5.36 32.26 23.03
CA GLU B 121 -6.06 31.83 21.81
C GLU B 121 -5.76 30.38 21.50
N GLN B 122 -4.48 29.98 21.58
CA GLN B 122 -4.03 28.62 21.31
C GLN B 122 -4.54 27.66 22.38
N LYS B 123 -4.52 28.10 23.65
CA LYS B 123 -5.04 27.29 24.74
C LYS B 123 -6.55 27.04 24.52
N ALA B 124 -7.30 28.08 24.09
CA ALA B 124 -8.73 27.92 23.84
C ALA B 124 -9.01 26.87 22.77
N GLU B 125 -8.17 26.81 21.72
CA GLU B 125 -8.29 25.83 20.65
C GLU B 125 -8.00 24.43 21.16
N LEU B 126 -6.94 24.27 21.97
CA LEU B 126 -6.62 22.97 22.57
C LEU B 126 -7.75 22.52 23.50
N ASP B 127 -8.31 23.47 24.28
CA ASP B 127 -9.40 23.15 25.21
C ASP B 127 -10.67 22.75 24.46
N LYS B 128 -10.93 23.38 23.29
CA LYS B 128 -12.07 23.10 22.41
C LYS B 128 -12.00 21.64 21.93
N PHE B 129 -10.81 21.18 21.52
CA PHE B 129 -10.60 19.79 21.07
C PHE B 129 -10.58 18.80 22.23
N THR B 130 -10.05 19.20 23.40
CA THR B 130 -10.06 18.35 24.59
C THR B 130 -11.51 17.95 24.92
N LYS B 131 -12.44 18.94 24.88
CA LYS B 131 -13.87 18.76 25.19
C LYS B 131 -14.56 17.74 24.31
N ILE B 132 -14.27 17.74 23.01
CA ILE B 132 -14.88 16.77 22.10
C ILE B 132 -14.27 15.37 22.25
N PHE B 133 -13.00 15.30 22.72
CA PHE B 133 -12.28 14.02 22.90
C PHE B 133 -12.62 13.34 24.23
N GLU B 134 -13.11 14.10 25.23
CA GLU B 134 -13.51 13.51 26.50
C GLU B 134 -14.70 12.58 26.23
N GLY B 135 -14.64 11.35 26.73
CA GLY B 135 -15.68 10.35 26.51
C GLY B 135 -15.46 9.45 25.30
N VAL B 136 -14.87 10.01 24.22
CA VAL B 136 -14.54 9.33 22.97
C VAL B 136 -13.41 8.33 23.25
N LYS B 137 -13.43 7.14 22.58
CA LYS B 137 -12.38 6.13 22.72
C LYS B 137 -11.18 6.61 21.90
N PHE B 138 -10.09 6.92 22.58
CA PHE B 138 -8.89 7.47 21.96
C PHE B 138 -7.71 6.52 22.09
N GLY B 139 -7.08 6.21 20.95
CA GLY B 139 -5.94 5.31 20.93
C GLY B 139 -4.71 5.94 20.33
N VAL B 140 -3.53 5.63 20.90
CA VAL B 140 -2.24 6.14 20.40
C VAL B 140 -1.19 5.03 20.54
N GLN B 141 -0.07 5.18 19.84
CA GLN B 141 1.03 4.24 20.00
C GLN B 141 1.74 4.54 21.34
N ALA B 142 1.98 3.49 22.13
CA ALA B 142 2.68 3.62 23.41
C ALA B 142 4.13 4.09 23.19
N GLY B 143 4.62 4.88 24.15
CA GLY B 143 6.00 5.36 24.16
C GLY B 143 6.34 6.40 23.12
N THR B 144 5.33 7.18 22.69
CA THR B 144 5.55 8.21 21.67
C THR B 144 5.26 9.60 22.20
N SER B 145 5.62 10.63 21.42
CA SER B 145 5.26 12.01 21.75
C SER B 145 3.74 12.18 21.68
N HIS B 146 3.04 11.36 20.89
CA HIS B 146 1.58 11.41 20.78
C HIS B 146 0.96 10.98 22.10
N GLU B 147 1.52 9.94 22.75
CA GLU B 147 1.08 9.52 24.08
C GLU B 147 1.40 10.64 25.08
N ALA B 148 2.61 11.21 25.01
CA ALA B 148 3.01 12.31 25.91
C ALA B 148 2.10 13.53 25.77
N PHE B 149 1.74 13.89 24.52
CA PHE B 149 0.84 15.01 24.27
C PHE B 149 -0.50 14.75 24.95
N MET B 150 -1.08 13.56 24.76
CA MET B 150 -2.38 13.29 25.37
C MET B 150 -2.30 13.33 26.91
N LYS B 151 -1.26 12.71 27.49
CA LYS B 151 -1.11 12.69 28.95
C LYS B 151 -0.80 14.05 29.58
N GLN B 152 -0.04 14.90 28.88
CA GLN B 152 0.35 16.22 29.38
C GLN B 152 -0.61 17.35 29.01
N MET B 153 -1.09 17.36 27.76
CA MET B 153 -1.95 18.42 27.26
C MET B 153 -3.45 18.13 27.32
N MET B 154 -3.84 16.84 27.35
CA MET B 154 -5.26 16.47 27.40
C MET B 154 -5.48 15.36 28.45
N PRO B 155 -5.00 15.59 29.71
CA PRO B 155 -5.09 14.54 30.74
C PRO B 155 -6.48 14.02 31.04
N SER B 156 -7.53 14.83 30.80
CA SER B 156 -8.91 14.41 31.04
C SER B 156 -9.44 13.41 30.01
N VAL B 157 -8.72 13.22 28.88
CA VAL B 157 -9.14 12.30 27.84
C VAL B 157 -8.60 10.91 28.20
N GLN B 158 -9.46 9.93 28.44
CA GLN B 158 -8.98 8.58 28.77
C GLN B 158 -8.44 7.97 27.47
N ILE B 159 -7.18 7.51 27.49
CA ILE B 159 -6.53 6.94 26.31
C ILE B 159 -6.20 5.45 26.47
N SER B 160 -6.13 4.76 25.33
CA SER B 160 -5.69 3.37 25.19
C SER B 160 -4.37 3.48 24.45
N THR B 161 -3.34 2.73 24.88
CA THR B 161 -2.04 2.75 24.22
C THR B 161 -1.80 1.39 23.57
N TYR B 162 -1.12 1.41 22.42
CA TYR B 162 -0.90 0.23 21.60
C TYR B 162 0.56 -0.01 21.34
N ASP B 163 0.93 -1.27 21.12
CA ASP B 163 2.30 -1.63 20.79
C ASP B 163 2.74 -0.98 19.47
N THR B 164 1.88 -1.02 18.44
CA THR B 164 2.22 -0.45 17.12
C THR B 164 1.12 0.44 16.58
N ILE B 165 1.47 1.39 15.69
CA ILE B 165 0.47 2.24 15.05
C ILE B 165 -0.44 1.37 14.17
N ASP B 166 0.07 0.24 13.65
CA ASP B 166 -0.74 -0.64 12.81
C ASP B 166 -1.94 -1.17 13.58
N ASN B 167 -1.76 -1.49 14.89
CA ASN B 167 -2.87 -1.95 15.71
C ASN B 167 -3.83 -0.82 16.04
N VAL B 168 -3.32 0.44 16.15
CA VAL B 168 -4.18 1.62 16.34
C VAL B 168 -5.11 1.75 15.12
N VAL B 169 -4.52 1.79 13.91
CA VAL B 169 -5.28 1.94 12.68
C VAL B 169 -6.30 0.79 12.50
N MET B 170 -5.89 -0.45 12.80
CA MET B 170 -6.75 -1.65 12.74
C MET B 170 -7.99 -1.42 13.63
N ASP B 171 -7.79 -0.97 14.90
CA ASP B 171 -8.90 -0.73 15.81
C ASP B 171 -9.78 0.46 15.42
N LEU B 172 -9.21 1.51 14.79
CA LEU B 172 -9.99 2.66 14.32
C LEU B 172 -10.88 2.20 13.16
N LYS B 173 -10.31 1.43 12.23
CA LYS B 173 -11.08 0.91 11.10
C LYS B 173 -12.21 -0.01 11.57
N ALA B 174 -11.94 -0.82 12.62
CA ALA B 174 -12.90 -1.78 13.20
C ALA B 174 -13.97 -1.14 14.11
N GLY B 175 -13.78 0.12 14.50
CA GLY B 175 -14.71 0.84 15.36
C GLY B 175 -14.47 0.60 16.83
N ARG B 176 -13.33 -0.03 17.18
CA ARG B 176 -12.92 -0.31 18.56
C ARG B 176 -12.45 0.98 19.23
N ILE B 177 -11.88 1.92 18.44
CA ILE B 177 -11.49 3.26 18.89
C ILE B 177 -12.11 4.29 17.93
N ASP B 178 -12.24 5.52 18.40
CA ASP B 178 -12.88 6.61 17.66
C ASP B 178 -11.92 7.61 17.05
N ALA B 179 -10.73 7.79 17.62
CA ALA B 179 -9.77 8.78 17.12
C ALA B 179 -8.36 8.44 17.53
N SER B 180 -7.38 9.08 16.86
CA SER B 180 -5.98 8.92 17.19
C SER B 180 -5.22 10.22 16.92
N LEU B 181 -3.90 10.18 17.15
CA LEU B 181 -2.99 11.29 16.97
C LEU B 181 -1.66 10.71 16.48
N ALA B 182 -1.10 11.31 15.42
CA ALA B 182 0.20 10.91 14.88
C ALA B 182 0.75 12.04 14.02
N SER B 183 1.94 11.87 13.41
CA SER B 183 2.46 12.94 12.57
C SER B 183 1.73 13.00 11.25
N VAL B 184 1.75 14.18 10.61
CA VAL B 184 1.22 14.33 9.24
C VAL B 184 2.05 13.45 8.32
N SER B 185 3.39 13.34 8.56
CA SER B 185 4.21 12.47 7.68
C SER B 185 3.72 11.01 7.68
N PHE B 186 3.12 10.55 8.79
CA PHE B 186 2.54 9.20 8.83
C PHE B 186 1.10 9.24 8.26
N LEU B 187 0.30 10.20 8.73
CA LEU B 187 -1.12 10.26 8.40
C LEU B 187 -1.47 10.65 6.97
N LYS B 188 -0.68 11.52 6.34
CA LYS B 188 -0.97 11.95 4.97
C LYS B 188 -0.84 10.76 4.02
N PRO B 189 0.29 10.01 3.95
CA PRO B 189 0.32 8.85 3.06
C PRO B 189 -0.75 7.82 3.43
N LEU B 190 -1.06 7.65 4.74
CA LEU B 190 -2.11 6.70 5.16
C LEU B 190 -3.46 7.09 4.54
N THR B 191 -3.88 8.36 4.74
CA THR B 191 -5.19 8.86 4.25
C THR B 191 -5.24 9.13 2.76
N ASP B 192 -4.07 9.22 2.10
CA ASP B 192 -4.02 9.40 0.63
C ASP B 192 -4.32 8.08 -0.09
N LYS B 193 -4.16 6.94 0.61
CA LYS B 193 -4.42 5.65 -0.03
C LYS B 193 -5.91 5.52 -0.30
N PRO B 194 -6.29 5.00 -1.50
CA PRO B 194 -7.71 4.77 -1.78
C PRO B 194 -8.32 3.79 -0.76
N ASP B 195 -7.48 2.90 -0.20
CA ASP B 195 -7.82 1.94 0.86
C ASP B 195 -8.45 2.64 2.08
N ASN B 196 -8.01 3.88 2.32
CA ASN B 196 -8.39 4.67 3.49
C ASN B 196 -9.23 5.92 3.21
N LYS B 197 -10.11 5.88 2.16
CA LYS B 197 -11.03 7.00 1.87
C LYS B 197 -11.99 7.20 3.04
N ASP B 198 -12.14 6.16 3.87
CA ASP B 198 -13.00 6.20 5.06
C ASP B 198 -12.28 6.77 6.30
N LEU B 199 -11.02 7.24 6.17
CA LEU B 199 -10.25 7.85 7.27
C LEU B 199 -9.93 9.29 6.91
N LYS B 200 -9.93 10.17 7.92
CA LYS B 200 -9.65 11.57 7.67
C LYS B 200 -8.81 12.16 8.76
N MET B 201 -7.84 13.00 8.36
CA MET B 201 -7.05 13.81 9.28
C MET B 201 -7.96 14.99 9.65
N PHE B 202 -7.82 15.49 10.89
CA PHE B 202 -8.64 16.64 11.29
C PHE B 202 -7.97 17.33 12.44
N GLY B 203 -8.42 18.54 12.68
CA GLY B 203 -7.93 19.34 13.79
C GLY B 203 -6.71 20.18 13.44
N PRO B 204 -6.19 20.89 14.45
CA PRO B 204 -4.99 21.70 14.22
C PRO B 204 -3.78 20.82 13.86
N ARG B 205 -2.82 21.40 13.13
CA ARG B 205 -1.55 20.75 12.77
C ARG B 205 -0.56 21.35 13.76
N MET B 206 -0.10 20.51 14.71
CA MET B 206 0.71 20.95 15.84
C MET B 206 2.20 20.74 15.70
N THR B 207 2.99 21.70 16.16
CA THR B 207 4.46 21.61 16.14
C THR B 207 5.02 22.08 17.46
N GLY B 208 6.28 21.72 17.72
CA GLY B 208 7.05 22.17 18.86
C GLY B 208 6.58 21.68 20.20
N GLY B 209 6.96 22.39 21.26
CA GLY B 209 6.63 21.97 22.61
C GLY B 209 7.24 20.61 22.88
N LEU B 210 6.45 19.70 23.49
CA LEU B 210 6.94 18.37 23.81
C LEU B 210 7.32 17.52 22.59
N PHE B 211 6.82 17.88 21.39
CA PHE B 211 7.17 17.15 20.16
C PHE B 211 8.60 17.45 19.71
N GLY B 212 9.14 18.59 20.14
CA GLY B 212 10.44 19.02 19.67
C GLY B 212 10.30 19.44 18.21
N LYS B 213 11.41 19.36 17.46
CA LYS B 213 11.36 19.75 16.05
C LYS B 213 12.13 18.74 15.22
N GLY B 214 11.44 18.18 14.23
CA GLY B 214 12.04 17.27 13.29
C GLY B 214 12.18 15.84 13.74
N VAL B 215 12.65 15.01 12.81
CA VAL B 215 12.92 13.58 12.98
C VAL B 215 14.43 13.46 12.79
N GLY B 216 15.08 12.73 13.68
CA GLY B 216 16.52 12.58 13.62
C GLY B 216 17.05 11.20 13.91
N VAL B 217 18.34 11.01 13.66
CA VAL B 217 19.01 9.73 13.96
C VAL B 217 19.32 9.75 15.46
N GLY B 218 18.88 8.73 16.20
CA GLY B 218 19.19 8.59 17.62
C GLY B 218 20.56 7.97 17.76
N ILE B 219 21.44 8.59 18.58
CA ILE B 219 22.82 8.16 18.77
C ILE B 219 23.16 8.28 20.25
N ARG B 220 24.04 7.40 20.76
CA ARG B 220 24.47 7.52 22.16
C ARG B 220 25.18 8.87 22.35
N LYS B 221 24.96 9.51 23.51
CA LYS B 221 25.58 10.81 23.80
C LYS B 221 27.09 10.82 23.72
N GLU B 222 27.75 9.70 24.11
CA GLU B 222 29.21 9.61 24.07
C GLU B 222 29.78 9.51 22.65
N ASP B 223 28.95 9.13 21.66
CA ASP B 223 29.41 8.97 20.29
C ASP B 223 29.35 10.29 19.50
N ALA B 224 30.12 11.30 19.96
CA ALA B 224 30.18 12.62 19.34
C ALA B 224 30.69 12.57 17.90
N ASP B 225 31.72 11.73 17.64
CA ASP B 225 32.26 11.57 16.28
C ASP B 225 31.21 10.99 15.32
N LEU B 226 30.41 10.00 15.78
CA LEU B 226 29.37 9.41 14.94
C LEU B 226 28.26 10.43 14.62
N LYS B 227 27.90 11.27 15.60
CA LYS B 227 26.92 12.34 15.36
C LYS B 227 27.46 13.33 14.32
N ALA B 228 28.75 13.72 14.45
CA ALA B 228 29.37 14.65 13.48
C ALA B 228 29.36 14.07 12.07
N LEU B 229 29.62 12.74 11.94
CA LEU B 229 29.59 12.04 10.65
C LEU B 229 28.17 12.04 10.08
N PHE B 230 27.15 11.74 10.91
CA PHE B 230 25.77 11.77 10.44
C PHE B 230 25.33 13.18 10.03
N ASP B 231 25.67 14.20 10.84
CA ASP B 231 25.29 15.60 10.57
C ASP B 231 25.84 16.09 9.26
N LYS B 232 27.12 15.77 8.97
CA LYS B 232 27.78 16.13 7.71
C LYS B 232 27.06 15.44 6.54
N ALA B 233 26.76 14.12 6.69
CA ALA B 233 26.08 13.36 5.64
C ALA B 233 24.66 13.86 5.38
N ILE B 234 23.90 14.17 6.45
CA ILE B 234 22.54 14.70 6.33
C ILE B 234 22.55 16.07 5.63
N ASP B 235 23.47 16.98 6.03
CA ASP B 235 23.59 18.29 5.39
C ASP B 235 23.82 18.09 3.88
N ALA B 236 24.69 17.13 3.50
CA ALA B 236 25.01 16.85 2.10
C ALA B 236 23.82 16.25 1.34
N ALA B 237 23.07 15.33 2.00
CA ALA B 237 21.89 14.70 1.41
C ALA B 237 20.75 15.69 1.24
N ILE B 238 20.64 16.71 2.12
CA ILE B 238 19.63 17.75 1.94
C ILE B 238 20.08 18.65 0.77
N ALA B 239 21.33 19.12 0.82
CA ALA B 239 21.89 20.05 -0.18
C ALA B 239 21.81 19.55 -1.62
N ASP B 240 22.05 18.25 -1.87
CA ASP B 240 22.01 17.72 -3.23
C ASP B 240 20.62 17.26 -3.72
N GLY B 241 19.58 17.46 -2.90
CA GLY B 241 18.21 17.10 -3.21
C GLY B 241 17.80 15.66 -2.94
N THR B 242 18.71 14.85 -2.35
CA THR B 242 18.41 13.42 -2.04
C THR B 242 17.25 13.28 -1.04
N VAL B 243 17.26 14.07 0.04
CA VAL B 243 16.18 13.96 1.04
C VAL B 243 14.82 14.31 0.39
N GLN B 244 14.79 15.39 -0.40
CA GLN B 244 13.57 15.80 -1.13
C GLN B 244 13.08 14.67 -2.07
N LYS B 245 14.02 14.07 -2.83
CA LYS B 245 13.72 12.98 -3.76
C LYS B 245 13.11 11.77 -3.02
N LEU B 246 13.77 11.33 -1.94
CA LEU B 246 13.27 10.19 -1.16
C LEU B 246 11.95 10.50 -0.47
N SER B 247 11.76 11.76 -0.04
CA SER B 247 10.52 12.18 0.62
C SER B 247 9.36 12.05 -0.37
N GLN B 248 9.57 12.57 -1.59
CA GLN B 248 8.55 12.48 -2.63
C GLN B 248 8.19 11.02 -2.95
N GLN B 249 9.22 10.17 -3.04
CA GLN B 249 9.08 8.77 -3.36
C GLN B 249 8.20 8.01 -2.36
N TRP B 250 8.51 8.19 -1.05
CA TRP B 250 7.85 7.44 0.01
C TRP B 250 6.58 8.09 0.57
N PHE B 251 6.61 9.42 0.78
CA PHE B 251 5.49 10.16 1.39
C PHE B 251 4.49 10.76 0.41
N GLY B 252 4.94 10.98 -0.84
CA GLY B 252 4.08 11.60 -1.85
C GLY B 252 4.08 13.12 -1.75
N TYR B 253 4.96 13.69 -0.92
CA TYR B 253 5.15 15.13 -0.75
C TYR B 253 6.54 15.38 -0.20
N ASP B 254 6.98 16.64 -0.19
CA ASP B 254 8.30 17.00 0.27
C ASP B 254 8.28 17.45 1.73
N ALA B 255 8.82 16.60 2.63
CA ALA B 255 8.90 16.91 4.05
C ALA B 255 10.37 17.19 4.47
N SER B 256 11.26 17.37 3.49
CA SER B 256 12.68 17.62 3.76
C SER B 256 12.90 18.97 4.45
N PRO B 257 13.93 19.07 5.33
CA PRO B 257 14.19 20.35 6.01
C PRO B 257 14.67 21.42 5.02
N LYS B 258 14.23 22.67 5.22
CA LYS B 258 14.56 23.82 4.37
C LYS B 258 15.22 24.91 5.20
CA OP1 C . -6.55 -13.55 -14.67
C OP1 C . -7.76 -14.41 -14.91
O OP1 C . -8.87 -13.94 -15.24
CB OP1 C . -6.21 -13.54 -13.18
CG OP1 C . -7.40 -13.24 -12.30
CD OP1 C . -7.08 -13.37 -10.84
NE OP1 C . -8.14 -12.82 -10.01
CZ OP1 C . -8.03 -12.81 -8.57
NH2 OP1 C . -7.02 -13.39 -7.95
NH1 OP1 C . -9.03 -12.24 -7.91
N OP1 C . -6.74 -12.20 -15.23
CAU OP1 C . -7.08 -10.88 -14.73
CAM OP1 C . -7.53 -10.08 -15.90
CAK OP1 C . -7.01 -10.72 -17.14
CAQ OP1 C . -6.62 -12.04 -16.63
OAM OP1 C . -6.49 -13.11 -17.43
CAS OP1 C . -5.90 -10.22 -14.09
OAH OP1 C . -4.76 -10.77 -14.01
OAE OP1 C . -6.03 -9.02 -13.66
OXT OP1 C . -7.62 -15.65 -14.76
C1 EDO D . -1.56 0.05 -5.26
O1 EDO D . -2.11 -1.26 -5.30
C2 EDO D . -2.46 1.07 -5.96
O2 EDO D . -3.68 1.37 -5.27
C1 EDO E . -22.65 -16.23 0.93
O1 EDO E . -23.40 -15.52 -0.01
C2 EDO E . -21.45 -16.86 0.21
O2 EDO E . -20.48 -17.23 1.16
C1 EDO F . 1.07 -17.85 -42.93
O1 EDO F . 0.96 -16.44 -43.03
C2 EDO F . 0.06 -18.38 -41.89
O2 EDO F . 0.58 -19.54 -41.26
C1 EDO G . -2.93 7.13 -17.99
O1 EDO G . -4.07 6.33 -18.23
C2 EDO G . -3.38 8.47 -17.37
O2 EDO G . -3.28 8.41 -15.95
C1 PEG H . -16.08 -22.31 1.69
O1 PEG H . -17.44 -22.49 2.08
C2 PEG H . -15.89 -22.56 0.21
O2 PEG H . -14.52 -22.38 -0.14
C3 PEG H . -13.93 -23.58 -0.64
C4 PEG H . -13.61 -23.44 -2.10
O4 PEG H . -12.63 -22.46 -2.34
C1 PEG I . -0.52 -29.99 -18.20
O1 PEG I . -0.65 -28.93 -19.13
C2 PEG I . -0.03 -29.50 -16.87
O2 PEG I . -0.34 -30.44 -15.85
C3 PEG I . -1.15 -29.89 -14.81
C4 PEG I . -0.57 -30.24 -13.48
O4 PEG I . -1.39 -29.76 -12.43
C1 EDO J . 9.71 -28.66 -17.52
O1 EDO J . 8.80 -28.27 -18.54
C2 EDO J . 10.89 -27.67 -17.40
O2 EDO J . 12.02 -28.31 -16.79
C1 EDO K . -33.23 2.91 -10.59
O1 EDO K . -32.75 2.64 -11.89
C2 EDO K . -32.17 3.75 -9.83
O2 EDO K . -32.66 4.05 -8.52
C1 EDO L . 0.95 -27.18 -12.00
O1 EDO L . 0.09 -27.00 -10.90
C2 EDO L . 2.22 -26.35 -11.85
O2 EDO L . 3.25 -27.12 -11.28
CA OP1 M . 6.39 10.23 17.22
C OP1 M . 7.53 10.12 18.24
O OP1 M . 8.69 10.45 17.88
CB OP1 M . 5.97 8.83 16.82
CG OP1 M . 7.11 7.92 16.38
CD OP1 M . 6.75 6.51 16.04
NE OP1 M . 7.83 5.78 15.42
CZ OP1 M . 7.71 4.39 15.05
NH2 OP1 M . 6.59 3.75 15.29
NH1 OP1 M . 8.78 3.80 14.45
N OP1 M . 6.72 11.12 16.10
CAU OP1 M . 7.10 10.99 14.71
CAM OP1 M . 7.63 12.30 14.33
CAK OP1 M . 7.04 13.30 15.24
CAQ OP1 M . 6.31 12.50 16.25
OAM OP1 M . 6.48 12.98 17.52
CAS OP1 M . 5.95 10.56 13.84
OAH OP1 M . 4.77 10.37 14.29
OAE OP1 M . 6.17 10.36 12.60
OXT OP1 M . 7.30 9.65 19.37
C1 PEG N . 7.89 24.33 25.60
O1 PEG N . 8.52 25.60 25.40
C2 PEG N . 6.41 24.45 25.69
O2 PEG N . 5.81 23.16 25.73
C3 PEG N . 4.41 23.18 25.63
C4 PEG N . 3.84 21.81 25.85
O4 PEG N . 4.18 20.91 24.81
C1 EDO O . -3.61 29.61 11.73
O1 EDO O . -2.52 28.81 11.32
C2 EDO O . -4.61 29.74 10.59
O2 EDO O . -5.90 29.47 11.07
C1 EDO P . -2.71 17.88 2.80
O1 EDO P . -3.78 17.85 3.73
C2 EDO P . -1.45 18.45 3.49
O2 EDO P . -1.07 17.60 4.56
C1 EDO Q . 2.48 4.50 2.76
O1 EDO Q . 1.69 5.22 1.82
C2 EDO Q . 1.93 4.55 4.21
O2 EDO Q . 0.53 4.71 4.36
#